data_8ER7
#
_entry.id   8ER7
#
_cell.length_a   125.080
_cell.length_b   125.080
_cell.length_c   253.415
_cell.angle_alpha   90.000
_cell.angle_beta   90.000
_cell.angle_gamma   120.000
#
_symmetry.space_group_name_H-M   'P 64 2 2'
#
loop_
_entity.id
_entity.type
_entity.pdbx_description
1 polymer 'Peptidyl-prolyl cis-trans isomerase FKBP1A'
2 polymer 'non-specific serine/threonine protein kinase'
3 non-polymer (3S,5R,6R,7E,9R,10R,12R,14S,15E,17E,19E,21S,23S,26R,27R,30R,34aS)-9,27-dihydroxy-3-{(2R)-1-[(1S,3R,4R)-4-hydroxy-3-methoxycyclohexyl]propan-2-yl}-5,10,21-trimethoxy-6,8,12,14,20,26-hexamethyl-5,6,9,10,12,13,14,21,22,23,24,25,26,27,32,33,34,34a-octadecahydro-3H-23,27-epoxypyrido[2,1-c][1,4]oxazacyclohentriacontine-1,11,28,29(4H,31H)-tetrone
4 non-polymer 'CHLORIDE ION'
5 water water
#
loop_
_entity_poly.entity_id
_entity_poly.type
_entity_poly.pdbx_seq_one_letter_code
_entity_poly.pdbx_strand_id
1 'polypeptide(L)'
;SGVQVETISPGDGRTFPKRGQTCVVHYTGMLEDGKKFDSSRDRNKPFKFMLGKQEVIRGWEEGVAQMSVGQRAKLTISPD
YAYGATGHPGIIPPHATLVFDVELLKLE
;
A,C,E
2 'polypeptide(L)'
;GVAILWHEMWHEGLEEASRLYFGERNVKGMFEVLEPLHAMMERGPQTLKETSFNQAYGRDLMEAQEWCRKYMKSGNVKDL
TQAWDLYYHVFRRIS
;
B,D,F
#
# COMPACT_ATOMS: atom_id res chain seq x y z
N SER A 1 5.74 43.13 -3.46
CA SER A 1 7.20 43.27 -3.16
C SER A 1 7.54 43.15 -1.66
N GLY A 2 8.82 42.95 -1.37
CA GLY A 2 9.34 42.88 0.00
C GLY A 2 9.13 41.53 0.69
N VAL A 3 9.18 41.55 2.02
CA VAL A 3 9.01 40.36 2.87
C VAL A 3 8.56 40.76 4.29
N GLN A 4 7.24 40.72 4.52
CA GLN A 4 6.65 41.07 5.82
C GLN A 4 6.89 39.95 6.84
N VAL A 5 7.71 40.24 7.86
CA VAL A 5 8.04 39.30 8.95
C VAL A 5 7.09 39.58 10.14
N GLU A 6 6.59 38.50 10.76
CA GLU A 6 5.77 38.56 11.98
C GLU A 6 6.24 37.49 12.96
N THR A 7 6.60 37.90 14.17
CA THR A 7 7.25 37.02 15.16
C THR A 7 6.23 36.09 15.84
N ILE A 8 6.66 34.86 16.09
CA ILE A 8 5.90 33.82 16.81
C ILE A 8 6.44 33.73 18.24
N SER A 9 7.76 33.53 18.37
CA SER A 9 8.48 33.54 19.66
C SER A 9 9.80 34.33 19.56
N PRO A 10 10.24 34.98 20.67
CA PRO A 10 11.38 35.90 20.61
C PRO A 10 12.75 35.23 20.74
N GLY A 11 13.77 35.85 20.13
CA GLY A 11 15.17 35.42 20.25
C GLY A 11 15.90 36.08 21.40
N ASP A 12 17.20 35.80 21.51
CA ASP A 12 18.06 36.37 22.57
C ASP A 12 18.32 37.88 22.43
N GLY A 13 18.41 38.36 21.18
CA GLY A 13 18.49 39.80 20.86
C GLY A 13 19.85 40.22 20.35
N ARG A 14 20.90 39.93 21.13
CA ARG A 14 22.27 40.37 20.82
C ARG A 14 22.93 39.55 19.70
N THR A 15 22.81 38.22 19.78
CA THR A 15 23.46 37.31 18.81
C THR A 15 22.71 37.27 17.47
N PHE A 16 23.37 37.77 16.41
CA PHE A 16 22.85 37.74 15.02
C PHE A 16 23.74 36.87 14.11
N PRO A 17 23.20 36.37 12.96
CA PRO A 17 24.00 35.61 12.00
C PRO A 17 24.81 36.52 11.06
N LYS A 18 26.14 36.55 11.26
CA LYS A 18 27.05 37.30 10.40
C LYS A 18 27.38 36.54 9.10
N ARG A 19 28.06 37.22 8.18
CA ARG A 19 28.52 36.62 6.93
C ARG A 19 29.68 35.66 7.20
N GLY A 20 29.59 34.44 6.66
CA GLY A 20 30.53 33.34 6.94
C GLY A 20 29.90 32.17 7.70
N GLN A 21 29.03 32.48 8.66
CA GLN A 21 28.41 31.46 9.54
C GLN A 21 27.31 30.67 8.83
N THR A 22 27.08 29.44 9.33
CA THR A 22 26.13 28.47 8.75
C THR A 22 24.84 28.40 9.58
N CYS A 23 23.77 29.07 9.11
CA CYS A 23 22.47 29.09 9.81
C CYS A 23 21.78 27.73 9.83
N VAL A 24 21.81 27.07 10.99
CA VAL A 24 21.11 25.79 11.22
C VAL A 24 19.70 26.15 11.69
N VAL A 25 18.68 25.76 10.92
CA VAL A 25 17.27 26.09 11.19
C VAL A 25 16.34 24.87 11.06
N HIS A 26 15.11 25.06 11.52
CA HIS A 26 13.95 24.24 11.16
C HIS A 26 12.95 25.17 10.48
N TYR A 27 12.29 24.70 9.41
CA TYR A 27 11.33 25.50 8.64
C TYR A 27 10.14 24.72 8.10
N THR A 28 9.11 25.48 7.70
CA THR A 28 7.87 24.97 7.11
C THR A 28 7.38 26.00 6.06
N GLY A 29 7.46 25.63 4.78
CA GLY A 29 6.96 26.46 3.68
C GLY A 29 5.56 26.03 3.28
N MET A 30 4.66 27.00 3.12
CA MET A 30 3.27 26.77 2.69
C MET A 30 2.75 27.90 1.81
N LEU A 31 1.83 27.56 0.91
CA LEU A 31 1.30 28.48 -0.11
C LEU A 31 0.35 29.52 0.49
N GLU A 32 0.01 30.52 -0.33
CA GLU A 32 -0.87 31.65 0.07
C GLU A 32 -2.24 31.26 0.63
N ASP A 33 -2.84 30.21 0.06
CA ASP A 33 -4.12 29.67 0.57
C ASP A 33 -4.03 28.99 1.95
N GLY A 34 -2.94 28.26 2.19
CA GLY A 34 -2.74 27.46 3.41
C GLY A 34 -1.94 26.18 3.25
N LYS A 35 -2.10 25.51 2.09
CA LYS A 35 -1.50 24.19 1.81
C LYS A 35 0.03 24.18 1.88
N LYS A 36 0.56 23.07 2.40
CA LYS A 36 1.96 22.94 2.82
C LYS A 36 2.73 22.25 1.68
N PHE A 37 3.84 22.85 1.23
CA PHE A 37 4.68 22.30 0.13
C PHE A 37 6.05 21.70 0.55
N ASP A 38 6.63 22.19 1.64
CA ASP A 38 7.88 21.64 2.20
C ASP A 38 8.00 21.93 3.71
N SER A 39 8.60 20.99 4.45
CA SER A 39 8.75 21.08 5.91
C SER A 39 9.86 20.18 6.45
N SER A 40 10.86 20.79 7.11
CA SER A 40 11.93 20.06 7.80
C SER A 40 11.49 19.47 9.16
N ARG A 41 10.49 20.09 9.81
CA ARG A 41 9.89 19.58 11.06
C ARG A 41 9.29 18.17 10.91
N ASP A 42 8.64 17.93 9.76
CA ASP A 42 8.07 16.61 9.44
C ASP A 42 9.11 15.52 9.18
N ARG A 43 10.28 15.90 8.66
CA ARG A 43 11.44 15.00 8.48
C ARG A 43 12.27 14.70 9.75
N ASN A 44 12.10 15.51 10.80
CA ASN A 44 12.87 15.40 12.07
C ASN A 44 14.41 15.52 11.89
N LYS A 45 14.83 16.39 10.98
CA LYS A 45 16.24 16.81 10.84
C LYS A 45 16.32 18.30 10.44
N PRO A 46 17.18 19.09 11.10
CA PRO A 46 17.28 20.51 10.76
C PRO A 46 18.05 20.75 9.45
N PHE A 47 17.86 21.93 8.88
CA PHE A 47 18.42 22.33 7.59
C PHE A 47 19.49 23.41 7.82
N LYS A 48 20.72 23.12 7.36
CA LYS A 48 21.87 24.03 7.47
C LYS A 48 22.07 24.77 6.14
N PHE A 49 22.51 26.03 6.19
CA PHE A 49 22.96 26.79 5.00
C PHE A 49 23.85 27.98 5.36
N MET A 50 24.80 28.28 4.46
CA MET A 50 25.74 29.40 4.62
C MET A 50 25.08 30.68 4.10
N LEU A 51 24.83 31.62 5.01
CA LEU A 51 24.22 32.92 4.67
C LEU A 51 25.25 33.84 4.01
N GLY A 52 24.78 34.72 3.12
CA GLY A 52 25.62 35.72 2.44
C GLY A 52 26.18 35.36 1.06
N LYS A 53 26.14 34.08 0.68
CA LYS A 53 26.73 33.57 -0.58
C LYS A 53 25.72 33.37 -1.74
N GLN A 54 24.52 33.95 -1.64
CA GLN A 54 23.40 33.75 -2.58
C GLN A 54 22.97 32.28 -2.77
N GLU A 55 22.99 31.52 -1.68
CA GLU A 55 22.56 30.10 -1.68
C GLU A 55 21.04 29.95 -1.79
N VAL A 56 20.29 30.80 -1.07
CA VAL A 56 18.82 30.73 -0.97
C VAL A 56 18.15 31.98 -1.56
N ILE A 57 16.83 31.91 -1.71
CA ILE A 57 16.00 33.03 -2.24
C ILE A 57 16.11 34.33 -1.43
N ARG A 58 15.77 35.45 -2.09
CA ARG A 58 15.96 36.82 -1.56
C ARG A 58 15.18 37.11 -0.26
N GLY A 59 14.01 36.49 -0.11
CA GLY A 59 13.22 36.54 1.14
C GLY A 59 13.97 35.99 2.35
N TRP A 60 14.62 34.84 2.16
CA TRP A 60 15.52 34.25 3.17
C TRP A 60 16.82 35.03 3.39
N GLU A 61 17.40 35.55 2.29
CA GLU A 61 18.69 36.27 2.35
C GLU A 61 18.64 37.56 3.21
N GLU A 62 17.51 38.27 3.16
CA GLU A 62 17.24 39.45 4.01
C GLU A 62 16.44 39.11 5.29
N GLY A 63 15.48 38.17 5.19
CA GLY A 63 14.60 37.80 6.32
C GLY A 63 15.30 37.05 7.46
N VAL A 64 16.09 36.04 7.11
CA VAL A 64 16.89 35.27 8.09
C VAL A 64 18.03 36.07 8.73
N ALA A 65 18.61 37.00 7.96
CA ALA A 65 19.67 37.92 8.46
C ALA A 65 19.20 38.83 9.60
N GLN A 66 18.01 39.41 9.47
CA GLN A 66 17.40 40.25 10.51
C GLN A 66 16.99 39.49 11.79
N MET A 67 16.71 38.19 11.69
CA MET A 67 16.38 37.34 12.86
C MET A 67 17.60 37.12 13.77
N SER A 68 17.33 37.06 15.08
CA SER A 68 18.32 36.69 16.11
C SER A 68 18.19 35.21 16.46
N VAL A 69 19.15 34.70 17.22
CA VAL A 69 19.22 33.27 17.57
C VAL A 69 18.12 32.86 18.55
N GLY A 70 17.54 31.68 18.33
CA GLY A 70 16.43 31.16 19.13
C GLY A 70 15.10 31.85 18.93
N GLN A 71 14.81 32.25 17.68
CA GLN A 71 13.63 33.06 17.33
C GLN A 71 12.81 32.33 16.25
N ARG A 72 11.55 32.02 16.58
CA ARG A 72 10.57 31.52 15.60
C ARG A 72 9.79 32.70 15.00
N ALA A 73 9.51 32.62 13.70
CA ALA A 73 8.86 33.73 12.96
C ALA A 73 8.16 33.28 11.66
N LYS A 74 7.17 34.08 11.24
CA LYS A 74 6.38 33.84 10.03
C LYS A 74 6.78 34.85 8.95
N LEU A 75 7.53 34.39 7.95
CA LEU A 75 8.02 35.21 6.82
C LEU A 75 7.08 35.10 5.61
N THR A 76 6.21 36.10 5.44
CA THR A 76 5.33 36.21 4.27
C THR A 76 6.13 36.83 3.10
N ILE A 77 6.67 35.97 2.24
CA ILE A 77 7.56 36.39 1.13
C ILE A 77 6.74 36.71 -0.12
N SER A 78 7.04 37.84 -0.75
CA SER A 78 6.39 38.30 -1.99
C SER A 78 6.99 37.57 -3.22
N PRO A 79 6.22 37.45 -4.34
CA PRO A 79 6.80 36.87 -5.59
C PRO A 79 8.02 37.60 -6.21
N ASP A 80 8.21 38.89 -5.91
CA ASP A 80 9.43 39.63 -6.30
C ASP A 80 10.68 39.04 -5.63
N TYR A 81 10.60 38.86 -4.31
CA TYR A 81 11.65 38.22 -3.50
C TYR A 81 11.71 36.68 -3.63
N ALA A 82 10.57 36.04 -3.93
CA ALA A 82 10.47 34.58 -4.15
C ALA A 82 10.88 34.18 -5.60
N TYR A 83 10.38 33.04 -6.11
CA TYR A 83 10.79 32.50 -7.43
C TYR A 83 10.26 33.31 -8.62
N GLY A 84 9.05 33.86 -8.49
CA GLY A 84 8.54 34.89 -9.39
C GLY A 84 7.81 34.39 -10.62
N ALA A 85 8.01 35.10 -11.74
CA ALA A 85 7.28 34.85 -13.01
C ALA A 85 7.50 33.45 -13.59
N THR A 86 8.74 32.98 -13.54
CA THR A 86 9.09 31.60 -13.89
C THR A 86 8.54 30.61 -12.85
N GLY A 87 8.81 30.90 -11.58
CA GLY A 87 8.44 30.02 -10.47
C GLY A 87 9.40 28.83 -10.38
N HIS A 88 8.93 27.78 -9.72
CA HIS A 88 9.64 26.50 -9.62
C HIS A 88 8.68 25.38 -10.09
N PRO A 89 8.80 24.92 -11.37
CA PRO A 89 7.87 23.98 -12.02
C PRO A 89 7.38 22.78 -11.19
N GLY A 90 6.05 22.59 -11.14
CA GLY A 90 5.41 21.51 -10.40
C GLY A 90 5.46 21.53 -8.87
N ILE A 91 5.84 22.69 -8.29
CA ILE A 91 5.84 22.90 -6.82
C ILE A 91 5.28 24.31 -6.54
N ILE A 92 6.02 25.34 -6.97
CA ILE A 92 5.64 26.75 -6.83
C ILE A 92 5.23 27.29 -8.20
N PRO A 93 3.94 27.68 -8.39
CA PRO A 93 3.53 28.26 -9.67
C PRO A 93 3.96 29.73 -9.85
N PRO A 94 3.72 30.33 -11.04
CA PRO A 94 4.00 31.76 -11.29
C PRO A 94 3.32 32.75 -10.33
N HIS A 95 4.12 33.66 -9.77
CA HIS A 95 3.65 34.83 -8.99
C HIS A 95 2.97 34.44 -7.66
N ALA A 96 3.61 33.54 -6.92
CA ALA A 96 3.08 32.97 -5.67
C ALA A 96 3.60 33.73 -4.44
N THR A 97 2.70 33.94 -3.46
CA THR A 97 3.05 34.53 -2.16
C THR A 97 3.34 33.38 -1.18
N LEU A 98 4.62 33.13 -0.91
CA LEU A 98 5.07 32.01 -0.08
C LEU A 98 5.11 32.39 1.40
N VAL A 99 4.40 31.63 2.23
CA VAL A 99 4.38 31.79 3.69
C VAL A 99 5.38 30.78 4.25
N PHE A 100 6.43 31.29 4.92
CA PHE A 100 7.51 30.48 5.50
C PHE A 100 7.58 30.65 7.01
N ASP A 101 7.10 29.66 7.75
CA ASP A 101 7.38 29.49 9.18
C ASP A 101 8.83 28.98 9.28
N VAL A 102 9.62 29.59 10.18
CA VAL A 102 11.04 29.24 10.36
C VAL A 102 11.52 29.56 11.78
N GLU A 103 12.40 28.70 12.30
CA GLU A 103 12.97 28.81 13.66
C GLU A 103 14.50 28.70 13.58
N LEU A 104 15.19 29.81 13.86
CA LEU A 104 16.66 29.85 13.91
C LEU A 104 17.16 29.29 15.24
N LEU A 105 17.48 28.00 15.25
CA LEU A 105 17.90 27.29 16.46
C LEU A 105 19.34 27.60 16.86
N LYS A 106 20.28 27.34 15.94
CA LYS A 106 21.73 27.41 16.22
C LYS A 106 22.49 28.22 15.14
N LEU A 107 23.41 29.07 15.59
CA LEU A 107 24.27 29.89 14.70
C LEU A 107 25.35 29.07 13.99
N GLU A 108 26.02 28.16 14.71
CA GLU A 108 27.07 27.25 14.19
C GLU A 108 28.15 27.92 13.33
N GLY B 1 43.74 23.35 -10.37
CA GLY B 1 42.26 23.35 -10.14
C GLY B 1 41.44 22.59 -11.18
N VAL B 2 41.84 21.33 -11.41
CA VAL B 2 41.16 20.40 -12.32
C VAL B 2 40.80 19.14 -11.51
N ALA B 3 39.52 18.77 -11.52
CA ALA B 3 39.00 17.70 -10.65
C ALA B 3 39.41 16.32 -11.16
N ILE B 4 40.37 15.70 -10.45
CA ILE B 4 40.87 14.34 -10.77
C ILE B 4 40.12 13.32 -9.92
N LEU B 5 40.16 13.51 -8.60
CA LEU B 5 39.50 12.61 -7.63
C LEU B 5 37.98 12.72 -7.68
N TRP B 6 37.32 11.68 -7.17
CA TRP B 6 35.85 11.54 -7.24
C TRP B 6 35.10 12.56 -6.39
N HIS B 7 35.57 12.78 -5.16
CA HIS B 7 34.97 13.81 -4.28
C HIS B 7 35.10 15.24 -4.84
N GLU B 8 36.23 15.53 -5.49
CA GLU B 8 36.41 16.80 -6.21
C GLU B 8 35.47 16.96 -7.41
N MET B 9 35.33 15.89 -8.20
CA MET B 9 34.41 15.84 -9.36
C MET B 9 32.95 15.96 -8.96
N TRP B 10 32.53 15.16 -7.99
CA TRP B 10 31.18 15.22 -7.42
C TRP B 10 30.83 16.55 -6.73
N HIS B 11 31.83 17.25 -6.19
CA HIS B 11 31.62 18.57 -5.57
C HIS B 11 31.19 19.61 -6.62
N GLU B 12 32.09 19.90 -7.57
CA GLU B 12 31.80 20.88 -8.63
C GLU B 12 30.74 20.41 -9.66
N GLY B 13 30.55 19.09 -9.78
CA GLY B 13 29.51 18.51 -10.63
C GLY B 13 28.09 18.76 -10.14
N LEU B 14 27.86 18.48 -8.86
CA LEU B 14 26.58 18.78 -8.21
C LEU B 14 26.31 20.29 -8.06
N GLU B 15 27.37 21.07 -7.86
CA GLU B 15 27.27 22.56 -7.85
C GLU B 15 26.81 23.11 -9.21
N GLU B 16 27.35 22.56 -10.30
CA GLU B 16 26.92 22.90 -11.66
C GLU B 16 25.50 22.42 -11.98
N ALA B 17 25.18 21.19 -11.57
CA ALA B 17 23.84 20.59 -11.76
C ALA B 17 22.73 21.34 -11.02
N SER B 18 22.98 21.63 -9.74
CA SER B 18 22.07 22.41 -8.89
C SER B 18 21.80 23.82 -9.41
N ARG B 19 22.84 24.47 -9.93
CA ARG B 19 22.72 25.79 -10.59
C ARG B 19 21.83 25.74 -11.83
N LEU B 20 22.02 24.70 -12.65
CA LEU B 20 21.22 24.49 -13.87
C LEU B 20 19.74 24.19 -13.60
N TYR B 21 19.47 23.27 -12.67
CA TYR B 21 18.09 22.87 -12.34
C TYR B 21 17.35 23.95 -11.55
N PHE B 22 17.84 24.27 -10.34
CA PHE B 22 17.14 25.20 -9.45
C PHE B 22 17.24 26.66 -9.90
N GLY B 23 18.43 27.08 -10.32
CA GLY B 23 18.66 28.46 -10.79
C GLY B 23 18.04 28.80 -12.14
N GLU B 24 18.16 27.87 -13.09
CA GLU B 24 17.80 28.10 -14.51
C GLU B 24 16.74 27.14 -15.11
N ARG B 25 16.12 26.27 -14.30
CA ARG B 25 15.08 25.30 -14.74
C ARG B 25 15.50 24.27 -15.82
N ASN B 26 16.82 24.09 -16.00
CA ASN B 26 17.38 23.28 -17.08
C ASN B 26 17.49 21.83 -16.58
N VAL B 27 16.42 21.06 -16.83
CA VAL B 27 16.33 19.65 -16.40
C VAL B 27 17.26 18.76 -17.27
N LYS B 28 17.21 18.95 -18.59
CA LYS B 28 18.07 18.22 -19.54
C LYS B 28 19.55 18.50 -19.28
N GLY B 29 19.90 19.77 -19.12
CA GLY B 29 21.24 20.22 -18.74
C GLY B 29 21.75 19.72 -17.41
N MET B 30 20.84 19.58 -16.43
CA MET B 30 21.15 18.97 -15.12
C MET B 30 21.53 17.49 -15.26
N PHE B 31 20.80 16.73 -16.08
CA PHE B 31 21.13 15.31 -16.34
C PHE B 31 22.44 15.10 -17.11
N GLU B 32 22.73 15.98 -18.08
CA GLU B 32 23.98 15.91 -18.87
C GLU B 32 25.29 16.01 -18.05
N VAL B 33 25.25 16.70 -16.90
CA VAL B 33 26.37 16.72 -15.93
C VAL B 33 26.34 15.57 -14.91
N LEU B 34 25.13 15.16 -14.51
CA LEU B 34 24.92 14.02 -13.57
C LEU B 34 25.28 12.66 -14.18
N GLU B 35 24.66 12.36 -15.33
CA GLU B 35 24.71 11.01 -15.94
C GLU B 35 26.11 10.44 -16.25
N PRO B 36 27.08 11.28 -16.68
CA PRO B 36 28.48 10.83 -16.80
C PRO B 36 29.19 10.50 -15.47
N LEU B 37 28.91 11.26 -14.42
CA LEU B 37 29.46 10.98 -13.08
C LEU B 37 28.95 9.65 -12.51
N HIS B 38 27.65 9.41 -12.62
CA HIS B 38 27.04 8.11 -12.26
C HIS B 38 27.58 6.94 -13.07
N ALA B 39 27.81 7.17 -14.37
CA ALA B 39 28.41 6.16 -15.26
C ALA B 39 29.83 5.75 -14.85
N MET B 40 30.62 6.69 -14.33
CA MET B 40 31.99 6.40 -13.85
C MET B 40 31.99 5.56 -12.56
N MET B 41 30.98 5.77 -11.70
CA MET B 41 30.75 4.92 -10.52
C MET B 41 30.44 3.48 -10.95
N GLU B 42 29.50 3.36 -11.90
CA GLU B 42 29.08 2.07 -12.49
C GLU B 42 30.22 1.25 -13.13
N ARG B 43 31.21 1.95 -13.69
CA ARG B 43 32.46 1.32 -14.16
C ARG B 43 33.29 0.72 -13.01
N GLY B 44 33.37 1.47 -11.90
CA GLY B 44 33.95 1.00 -10.63
C GLY B 44 35.21 1.77 -10.22
N PRO B 45 35.62 1.66 -8.93
CA PRO B 45 36.79 2.38 -8.43
C PRO B 45 38.12 1.68 -8.73
N GLN B 46 39.17 2.48 -8.98
CA GLN B 46 40.54 1.99 -9.24
C GLN B 46 41.41 2.16 -7.98
N THR B 47 41.58 3.41 -7.55
CA THR B 47 42.43 3.76 -6.40
C THR B 47 41.76 3.44 -5.05
N LEU B 48 42.54 3.56 -3.97
CA LEU B 48 42.01 3.46 -2.59
C LEU B 48 41.02 4.59 -2.25
N LYS B 49 41.40 5.83 -2.63
CA LYS B 49 40.56 7.02 -2.40
C LYS B 49 39.20 6.98 -3.14
N GLU B 50 39.20 6.37 -4.34
CA GLU B 50 37.96 6.07 -5.07
C GLU B 50 37.10 4.98 -4.40
N THR B 51 37.75 3.94 -3.87
CA THR B 51 37.04 2.85 -3.14
C THR B 51 36.41 3.34 -1.83
N SER B 52 37.17 4.11 -1.05
CA SER B 52 36.69 4.71 0.21
C SER B 52 35.55 5.73 0.03
N PHE B 53 35.57 6.44 -1.10
CA PHE B 53 34.43 7.28 -1.52
C PHE B 53 33.19 6.43 -1.82
N ASN B 54 33.39 5.34 -2.57
CA ASN B 54 32.30 4.42 -2.96
C ASN B 54 31.66 3.69 -1.77
N GLN B 55 32.48 3.35 -0.76
CA GLN B 55 31.98 2.82 0.52
C GLN B 55 31.12 3.81 1.31
N ALA B 56 31.55 5.08 1.35
CA ALA B 56 30.84 6.13 2.09
C ALA B 56 29.58 6.60 1.36
N TYR B 57 29.77 7.15 0.16
CA TYR B 57 28.73 7.87 -0.59
C TYR B 57 28.06 7.11 -1.75
N GLY B 58 28.63 5.97 -2.16
CA GLY B 58 28.17 5.23 -3.33
C GLY B 58 26.74 4.71 -3.27
N ARG B 59 26.32 4.24 -2.09
CA ARG B 59 24.93 3.82 -1.84
C ARG B 59 23.93 4.98 -1.91
N ASP B 60 24.31 6.13 -1.33
CA ASP B 60 23.50 7.36 -1.38
C ASP B 60 23.35 7.91 -2.80
N LEU B 61 24.44 7.94 -3.56
CA LEU B 61 24.46 8.39 -4.96
C LEU B 61 23.66 7.48 -5.90
N MET B 62 23.80 6.16 -5.73
CA MET B 62 23.03 5.17 -6.52
C MET B 62 21.52 5.27 -6.26
N GLU B 63 21.14 5.54 -5.01
CA GLU B 63 19.74 5.82 -4.62
C GLU B 63 19.22 7.12 -5.25
N ALA B 64 20.05 8.17 -5.25
CA ALA B 64 19.74 9.44 -5.93
C ALA B 64 19.52 9.29 -7.44
N GLN B 65 20.28 8.39 -8.08
CA GLN B 65 20.04 8.00 -9.48
C GLN B 65 18.72 7.24 -9.66
N GLU B 66 18.41 6.31 -8.74
CA GLU B 66 17.12 5.56 -8.77
C GLU B 66 15.88 6.47 -8.67
N TRP B 67 15.96 7.51 -7.84
CA TRP B 67 14.94 8.56 -7.80
C TRP B 67 14.89 9.41 -9.08
N CYS B 68 16.06 9.69 -9.66
CA CYS B 68 16.16 10.33 -10.98
C CYS B 68 15.55 9.50 -12.13
N ARG B 69 15.79 8.19 -12.12
CA ARG B 69 15.11 7.25 -13.05
C ARG B 69 13.59 7.19 -12.83
N LYS B 70 13.15 7.29 -11.58
CA LYS B 70 11.71 7.38 -11.24
C LYS B 70 11.05 8.66 -11.77
N TYR B 71 11.79 9.77 -11.78
CA TYR B 71 11.33 11.02 -12.43
C TYR B 71 11.16 10.87 -13.95
N MET B 72 12.10 10.17 -14.61
CA MET B 72 12.04 9.92 -16.06
C MET B 72 10.81 9.12 -16.50
N LYS B 73 10.46 8.09 -15.71
CA LYS B 73 9.26 7.27 -15.96
C LYS B 73 7.96 7.99 -15.63
N SER B 74 7.88 8.56 -14.43
CA SER B 74 6.64 9.18 -13.91
C SER B 74 6.38 10.56 -14.51
N GLY B 75 7.36 11.45 -14.37
CA GLY B 75 7.23 12.88 -14.66
C GLY B 75 6.92 13.78 -13.47
N ASN B 76 6.60 13.19 -12.31
CA ASN B 76 6.27 13.95 -11.09
C ASN B 76 7.56 14.51 -10.47
N VAL B 77 7.65 15.85 -10.41
CA VAL B 77 8.83 16.57 -9.89
C VAL B 77 9.17 16.28 -8.41
N LYS B 78 8.18 15.86 -7.63
CA LYS B 78 8.36 15.33 -6.26
C LYS B 78 9.41 14.19 -6.14
N ASP B 79 9.49 13.34 -7.17
CA ASP B 79 10.55 12.31 -7.27
C ASP B 79 11.94 12.91 -7.50
N LEU B 80 12.02 13.95 -8.33
CA LEU B 80 13.28 14.66 -8.62
C LEU B 80 13.84 15.42 -7.41
N THR B 81 12.96 15.96 -6.56
CA THR B 81 13.37 16.60 -5.28
C THR B 81 13.94 15.61 -4.25
N GLN B 82 13.36 14.39 -4.20
CA GLN B 82 13.88 13.29 -3.35
C GLN B 82 15.32 12.89 -3.70
N ALA B 83 15.67 12.94 -4.99
CA ALA B 83 17.05 12.77 -5.45
C ALA B 83 17.96 13.92 -4.98
N TRP B 84 17.47 15.15 -5.14
CA TRP B 84 18.21 16.35 -4.69
C TRP B 84 18.39 16.52 -3.17
N ASP B 85 17.51 15.88 -2.39
CA ASP B 85 17.70 15.78 -0.92
C ASP B 85 18.90 14.88 -0.58
N LEU B 86 19.03 13.76 -1.29
CA LEU B 86 20.19 12.86 -1.17
C LEU B 86 21.49 13.48 -1.72
N TYR B 87 21.41 14.18 -2.86
CA TYR B 87 22.56 14.89 -3.44
C TYR B 87 23.11 16.01 -2.53
N TYR B 88 22.22 16.71 -1.82
CA TYR B 88 22.62 17.74 -0.85
C TYR B 88 23.34 17.16 0.38
N HIS B 89 22.89 15.99 0.83
CA HIS B 89 23.51 15.26 1.95
C HIS B 89 24.97 14.88 1.67
N VAL B 90 25.23 14.30 0.50
CA VAL B 90 26.60 13.97 0.07
C VAL B 90 27.48 15.20 -0.21
N PHE B 91 26.88 16.30 -0.66
CA PHE B 91 27.62 17.54 -0.97
C PHE B 91 28.23 18.21 0.26
N ARG B 92 27.43 18.35 1.33
CA ARG B 92 27.88 18.96 2.59
C ARG B 92 29.01 18.18 3.28
N ARG B 93 28.89 16.85 3.27
CA ARG B 93 29.93 15.96 3.84
C ARG B 93 31.27 16.00 3.08
N ILE B 94 31.20 16.18 1.76
CA ILE B 94 32.39 16.48 0.92
C ILE B 94 32.90 17.91 1.18
N SER B 95 31.98 18.88 1.28
CA SER B 95 32.33 20.30 1.54
C SER B 95 33.02 20.51 2.89
N SER C 1 -10.37 22.16 22.52
CA SER C 1 -10.73 22.41 21.09
C SER C 1 -9.60 22.12 20.10
N GLY C 2 -9.98 21.93 18.84
CA GLY C 2 -9.04 21.65 17.74
C GLY C 2 -8.52 20.23 17.71
N VAL C 3 -7.41 20.05 16.98
CA VAL C 3 -6.64 18.79 16.93
C VAL C 3 -5.14 19.10 17.06
N GLN C 4 -4.44 18.30 17.88
CA GLN C 4 -3.00 18.44 18.12
C GLN C 4 -2.26 17.28 17.46
N VAL C 5 -1.50 17.59 16.40
CA VAL C 5 -0.70 16.61 15.65
C VAL C 5 0.72 16.60 16.22
N GLU C 6 1.07 15.50 16.90
CA GLU C 6 2.41 15.26 17.43
C GLU C 6 3.09 14.19 16.58
N THR C 7 4.31 14.48 16.11
CA THR C 7 5.05 13.60 15.19
C THR C 7 5.66 12.42 15.94
N ILE C 8 5.45 11.19 15.43
CA ILE C 8 6.02 9.95 15.99
C ILE C 8 7.26 9.58 15.16
N SER C 9 7.02 9.28 13.87
CA SER C 9 8.06 8.85 12.91
C SER C 9 8.19 9.89 11.79
N PRO C 10 9.39 10.02 11.18
CA PRO C 10 9.58 11.04 10.15
C PRO C 10 9.02 10.64 8.78
N GLY C 11 8.32 11.56 8.12
CA GLY C 11 7.89 11.41 6.72
C GLY C 11 8.87 12.07 5.76
N ASP C 12 8.50 12.16 4.49
CA ASP C 12 9.31 12.87 3.47
C ASP C 12 9.34 14.40 3.61
N GLY C 13 8.33 14.98 4.26
CA GLY C 13 8.24 16.42 4.50
C GLY C 13 7.91 17.34 3.33
N ARG C 14 7.63 16.81 2.14
CA ARG C 14 7.39 17.59 0.90
C ARG C 14 6.13 17.17 0.11
N THR C 15 5.89 15.87 -0.02
CA THR C 15 4.61 15.34 -0.52
C THR C 15 3.53 15.42 0.56
N PHE C 16 2.39 16.06 0.25
CA PHE C 16 1.22 16.14 1.15
C PHE C 16 -0.09 15.89 0.36
N PRO C 17 -1.14 15.34 1.02
CA PRO C 17 -2.37 15.01 0.30
C PRO C 17 -3.26 16.22 0.03
N LYS C 18 -3.68 16.38 -1.24
CA LYS C 18 -4.58 17.46 -1.65
C LYS C 18 -6.05 17.09 -1.47
N ARG C 19 -6.91 18.10 -1.55
CA ARG C 19 -8.38 17.91 -1.49
C ARG C 19 -8.85 17.28 -2.80
N GLY C 20 -8.85 15.95 -2.84
CA GLY C 20 -9.12 15.17 -4.06
C GLY C 20 -8.52 13.78 -4.05
N GLN C 21 -7.27 13.67 -3.60
CA GLN C 21 -6.55 12.40 -3.52
C GLN C 21 -7.11 11.46 -2.46
N THR C 22 -6.90 10.16 -2.66
CA THR C 22 -7.27 9.11 -1.72
C THR C 22 -6.07 8.83 -0.80
N CYS C 23 -6.28 8.95 0.51
CA CYS C 23 -5.25 8.69 1.53
C CYS C 23 -5.39 7.26 2.05
N VAL C 24 -4.38 6.43 1.77
CA VAL C 24 -4.29 5.07 2.30
C VAL C 24 -3.45 5.15 3.57
N VAL C 25 -4.04 4.77 4.71
CA VAL C 25 -3.39 4.83 6.04
C VAL C 25 -3.56 3.53 6.83
N HIS C 26 -2.65 3.31 7.78
CA HIS C 26 -2.87 2.41 8.93
C HIS C 26 -3.08 3.28 10.17
N TYR C 27 -3.91 2.82 11.10
CA TYR C 27 -4.23 3.57 12.32
C TYR C 27 -4.61 2.70 13.53
N THR C 28 -4.64 3.35 14.69
CA THR C 28 -5.06 2.75 15.97
C THR C 28 -5.82 3.82 16.77
N GLY C 29 -7.15 3.71 16.78
CA GLY C 29 -8.02 4.61 17.55
C GLY C 29 -8.15 4.17 19.00
N MET C 30 -7.86 5.09 19.93
CA MET C 30 -8.00 4.85 21.39
C MET C 30 -8.37 6.14 22.14
N LEU C 31 -9.01 5.96 23.29
CA LEU C 31 -9.50 7.08 24.11
C LEU C 31 -8.37 7.76 24.91
N GLU C 32 -8.68 8.94 25.46
CA GLU C 32 -7.70 9.78 26.19
C GLU C 32 -7.08 9.11 27.42
N ASP C 33 -7.91 8.37 28.18
CA ASP C 33 -7.43 7.57 29.32
C ASP C 33 -6.48 6.42 28.90
N GLY C 34 -6.75 5.80 27.75
CA GLY C 34 -5.93 4.71 27.21
C GLY C 34 -6.66 3.68 26.35
N LYS C 35 -7.90 3.35 26.73
CA LYS C 35 -8.68 2.23 26.15
C LYS C 35 -8.83 2.28 24.61
N LYS C 36 -8.62 1.12 23.98
CA LYS C 36 -8.54 1.00 22.51
C LYS C 36 -9.88 0.53 21.94
N PHE C 37 -10.38 1.24 20.93
CA PHE C 37 -11.69 0.96 20.27
C PHE C 37 -11.62 0.50 18.81
N ASP C 38 -10.56 0.84 18.07
CA ASP C 38 -10.37 0.36 16.68
C ASP C 38 -8.89 0.36 16.27
N SER C 39 -8.52 -0.59 15.41
CA SER C 39 -7.15 -0.68 14.87
C SER C 39 -7.08 -1.48 13.57
N SER C 40 -6.79 -0.80 12.46
CA SER C 40 -6.52 -1.43 11.16
C SER C 40 -5.25 -2.29 11.14
N ARG C 41 -4.24 -1.91 11.95
CA ARG C 41 -3.00 -2.68 12.13
C ARG C 41 -3.23 -4.10 12.65
N ASP C 42 -4.18 -4.23 13.59
CA ASP C 42 -4.60 -5.54 14.12
C ASP C 42 -5.30 -6.42 13.07
N ARG C 43 -6.14 -5.81 12.24
CA ARG C 43 -6.77 -6.49 11.09
C ARG C 43 -5.80 -6.91 9.96
N ASN C 44 -4.65 -6.24 9.85
CA ASN C 44 -3.64 -6.45 8.78
C ASN C 44 -4.17 -6.14 7.37
N LYS C 45 -4.90 -5.02 7.26
CA LYS C 45 -5.29 -4.43 5.97
C LYS C 45 -5.61 -2.94 6.16
N PRO C 46 -4.97 -2.05 5.35
CA PRO C 46 -5.08 -0.61 5.62
C PRO C 46 -6.42 0.02 5.23
N PHE C 47 -6.56 1.30 5.59
CA PHE C 47 -7.81 2.07 5.46
C PHE C 47 -7.63 3.17 4.40
N LYS C 48 -8.47 3.11 3.36
CA LYS C 48 -8.48 4.09 2.26
C LYS C 48 -9.62 5.08 2.47
N PHE C 49 -9.38 6.38 2.21
CA PHE C 49 -10.44 7.41 2.20
C PHE C 49 -10.04 8.66 1.41
N MET C 50 -11.04 9.34 0.85
CA MET C 50 -10.84 10.55 0.05
C MET C 50 -10.90 11.78 0.95
N LEU C 51 -9.88 12.64 0.86
CA LEU C 51 -9.69 13.77 1.78
C LEU C 51 -10.56 14.98 1.40
N GLY C 52 -11.06 15.67 2.42
CA GLY C 52 -11.84 16.91 2.26
C GLY C 52 -13.22 16.77 1.63
N LYS C 53 -13.91 15.67 1.93
CA LYS C 53 -15.30 15.39 1.48
C LYS C 53 -16.33 15.31 2.62
N GLN C 54 -15.91 15.59 3.86
CA GLN C 54 -16.64 15.24 5.10
C GLN C 54 -17.02 13.75 5.21
N GLU C 55 -16.12 12.87 4.73
CA GLU C 55 -16.25 11.42 4.91
C GLU C 55 -15.94 11.04 6.37
N VAL C 56 -14.86 11.60 6.89
CA VAL C 56 -14.39 11.39 8.27
C VAL C 56 -14.54 12.65 9.13
N ILE C 57 -14.38 12.46 10.44
CA ILE C 57 -14.43 13.55 11.45
C ILE C 57 -13.43 14.69 11.23
N ARG C 58 -13.73 15.86 11.80
CA ARG C 58 -12.97 17.10 11.57
C ARG C 58 -11.50 17.04 12.03
N GLY C 59 -11.22 16.27 13.09
CA GLY C 59 -9.85 16.01 13.55
C GLY C 59 -8.97 15.31 12.52
N TRP C 60 -9.55 14.34 11.81
CA TRP C 60 -8.88 13.65 10.70
C TRP C 60 -8.64 14.53 9.49
N GLU C 61 -9.67 15.26 9.05
CA GLU C 61 -9.58 16.08 7.84
C GLU C 61 -8.55 17.20 7.95
N GLU C 62 -8.53 17.89 9.09
CA GLU C 62 -7.48 18.88 9.40
C GLU C 62 -6.14 18.23 9.78
N GLY C 63 -6.18 17.10 10.51
CA GLY C 63 -4.97 16.43 11.01
C GLY C 63 -4.16 15.66 9.98
N VAL C 64 -4.85 14.84 9.18
CA VAL C 64 -4.20 14.00 8.16
C VAL C 64 -3.70 14.85 6.98
N ALA C 65 -4.43 15.92 6.63
CA ALA C 65 -4.04 16.86 5.56
C ALA C 65 -2.64 17.47 5.69
N GLN C 66 -2.20 17.73 6.93
CA GLN C 66 -0.86 18.26 7.22
C GLN C 66 0.22 17.20 7.53
N MET C 67 -0.07 15.92 7.32
CA MET C 67 0.92 14.82 7.37
C MET C 67 1.44 14.51 5.96
N SER C 68 2.71 14.10 5.90
CA SER C 68 3.38 13.70 4.64
C SER C 68 3.44 12.19 4.48
N VAL C 69 3.83 11.74 3.28
CA VAL C 69 3.86 10.31 2.92
C VAL C 69 5.01 9.63 3.66
N GLY C 70 4.70 8.50 4.31
CA GLY C 70 5.64 7.79 5.21
C GLY C 70 5.66 8.24 6.67
N GLN C 71 4.93 9.31 7.01
CA GLN C 71 4.93 9.87 8.38
C GLN C 71 3.95 9.11 9.27
N ARG C 72 4.30 8.98 10.55
CA ARG C 72 3.42 8.52 11.61
C ARG C 72 3.25 9.65 12.64
N ALA C 73 2.04 9.81 13.16
CA ALA C 73 1.72 10.90 14.11
C ALA C 73 0.53 10.60 15.02
N LYS C 74 0.52 11.26 16.18
CA LYS C 74 -0.50 11.11 17.21
C LYS C 74 -1.52 12.26 17.08
N LEU C 75 -2.72 11.93 16.59
CA LEU C 75 -3.82 12.89 16.42
C LEU C 75 -4.70 12.93 17.68
N THR C 76 -4.43 13.90 18.55
CA THR C 76 -5.20 14.12 19.78
C THR C 76 -6.40 15.04 19.45
N ILE C 77 -7.54 14.42 19.13
CA ILE C 77 -8.74 15.10 18.63
C ILE C 77 -9.67 15.47 19.81
N SER C 78 -10.03 16.75 19.90
CA SER C 78 -10.99 17.27 20.89
C SER C 78 -12.43 16.79 20.56
N PRO C 79 -13.31 16.60 21.58
CA PRO C 79 -14.68 16.08 21.34
C PRO C 79 -15.58 16.88 20.37
N ASP C 80 -15.47 18.21 20.39
CA ASP C 80 -16.11 19.08 19.37
C ASP C 80 -15.65 18.83 17.92
N TYR C 81 -14.40 18.40 17.74
CA TYR C 81 -13.83 17.97 16.44
C TYR C 81 -14.02 16.48 16.10
N ALA C 82 -14.30 15.63 17.12
CA ALA C 82 -14.60 14.21 16.93
C ALA C 82 -16.12 13.90 16.85
N TYR C 83 -16.77 13.55 17.97
CA TYR C 83 -18.19 13.12 17.99
C TYR C 83 -19.16 13.92 18.90
N GLY C 84 -18.64 14.74 19.81
CA GLY C 84 -19.47 15.67 20.59
C GLY C 84 -20.26 15.00 21.69
N ALA C 85 -21.41 15.60 22.02
CA ALA C 85 -22.29 15.12 23.09
C ALA C 85 -22.98 13.78 22.80
N THR C 86 -23.27 13.51 21.52
CA THR C 86 -23.83 12.22 21.09
C THR C 86 -22.84 11.07 21.28
N GLY C 87 -21.60 11.28 20.82
CA GLY C 87 -20.57 10.23 20.81
C GLY C 87 -20.88 9.23 19.71
N HIS C 88 -20.72 7.95 20.03
CA HIS C 88 -21.20 6.84 19.19
C HIS C 88 -21.64 5.69 20.11
N PRO C 89 -22.98 5.48 20.30
CA PRO C 89 -23.52 4.45 21.22
C PRO C 89 -22.92 3.05 21.07
N GLY C 90 -22.38 2.52 22.17
CA GLY C 90 -21.69 1.22 22.21
C GLY C 90 -20.18 1.27 22.22
N ILE C 91 -19.58 2.28 21.57
CA ILE C 91 -18.12 2.39 21.36
C ILE C 91 -17.56 3.62 22.06
N ILE C 92 -17.95 4.81 21.60
CA ILE C 92 -17.41 6.10 22.08
C ILE C 92 -18.46 6.77 22.99
N PRO C 93 -18.07 7.15 24.23
CA PRO C 93 -19.02 7.84 25.12
C PRO C 93 -19.21 9.34 24.77
N PRO C 94 -20.15 10.05 25.46
CA PRO C 94 -20.31 11.51 25.34
C PRO C 94 -19.06 12.32 25.75
N HIS C 95 -18.72 13.33 24.93
CA HIS C 95 -17.64 14.30 25.20
C HIS C 95 -16.25 13.66 25.39
N ALA C 96 -15.93 12.74 24.47
CA ALA C 96 -14.70 11.94 24.52
C ALA C 96 -13.61 12.55 23.65
N THR C 97 -12.51 12.97 24.27
CA THR C 97 -11.28 13.34 23.55
C THR C 97 -10.64 12.03 23.05
N LEU C 98 -10.42 11.94 21.73
CA LEU C 98 -9.85 10.74 21.08
C LEU C 98 -8.38 10.95 20.73
N VAL C 99 -7.60 9.85 20.75
CA VAL C 99 -6.16 9.86 20.44
C VAL C 99 -5.82 8.76 19.42
N PHE C 100 -5.88 9.11 18.13
CA PHE C 100 -5.54 8.18 17.02
C PHE C 100 -4.04 8.14 16.75
N ASP C 101 -3.54 6.97 16.33
CA ASP C 101 -2.12 6.72 16.00
C ASP C 101 -2.00 6.40 14.50
N VAL C 102 -2.48 7.32 13.67
CA VAL C 102 -2.50 7.17 12.20
C VAL C 102 -1.10 7.29 11.56
N GLU C 103 -0.86 6.50 10.51
CA GLU C 103 0.37 6.54 9.69
C GLU C 103 -0.02 6.62 8.22
N LEU C 104 0.47 7.65 7.51
CA LEU C 104 0.16 7.86 6.09
C LEU C 104 1.07 7.01 5.19
N LEU C 105 0.51 5.93 4.63
CA LEU C 105 1.28 4.93 3.87
C LEU C 105 1.58 5.42 2.45
N LYS C 106 0.53 5.81 1.74
CA LYS C 106 0.65 6.31 0.36
C LYS C 106 -0.57 7.14 -0.09
N LEU C 107 -0.39 7.88 -1.18
CA LEU C 107 -1.41 8.72 -1.80
C LEU C 107 -1.79 8.13 -3.18
N GLU C 108 -2.99 7.55 -3.26
CA GLU C 108 -3.56 7.03 -4.52
C GLU C 108 -4.40 8.09 -5.22
N VAL D 2 -34.67 7.44 -11.20
CA VAL D 2 -33.22 7.05 -11.02
C VAL D 2 -33.08 5.62 -10.46
N ALA D 3 -31.83 5.12 -10.44
CA ALA D 3 -31.43 3.89 -9.75
C ALA D 3 -32.15 2.62 -10.24
N ILE D 4 -31.67 2.11 -11.39
CA ILE D 4 -32.32 1.03 -12.14
C ILE D 4 -31.59 -0.30 -11.88
N LEU D 5 -30.28 -0.32 -12.13
CA LEU D 5 -29.43 -1.49 -11.88
C LEU D 5 -29.19 -1.72 -10.38
N TRP D 6 -28.73 -2.93 -10.04
CA TRP D 6 -28.46 -3.33 -8.64
C TRP D 6 -27.33 -2.51 -8.01
N HIS D 7 -26.20 -2.38 -8.72
CA HIS D 7 -25.05 -1.57 -8.26
C HIS D 7 -25.40 -0.07 -8.06
N GLU D 8 -26.31 0.45 -8.89
CA GLU D 8 -26.86 1.81 -8.72
C GLU D 8 -27.73 1.95 -7.46
N MET D 9 -28.62 0.98 -7.24
CA MET D 9 -29.48 0.93 -6.04
C MET D 9 -28.69 0.69 -4.75
N TRP D 10 -27.74 -0.24 -4.80
CA TRP D 10 -26.83 -0.52 -3.67
C TRP D 10 -25.92 0.65 -3.27
N HIS D 11 -25.49 1.46 -4.24
CA HIS D 11 -24.63 2.63 -3.98
C HIS D 11 -25.38 3.71 -3.17
N GLU D 12 -26.55 4.11 -3.67
CA GLU D 12 -27.41 5.08 -2.95
C GLU D 12 -28.01 4.51 -1.65
N GLY D 13 -28.30 3.22 -1.63
CA GLY D 13 -28.82 2.52 -0.44
C GLY D 13 -27.86 2.46 0.74
N LEU D 14 -26.62 2.05 0.48
CA LEU D 14 -25.56 2.02 1.50
C LEU D 14 -25.10 3.42 1.94
N GLU D 15 -25.14 4.38 1.02
CA GLU D 15 -24.87 5.80 1.35
C GLU D 15 -25.97 6.39 2.25
N GLU D 16 -27.23 6.12 1.90
CA GLU D 16 -28.39 6.56 2.71
C GLU D 16 -28.45 5.87 4.08
N ALA D 17 -28.17 4.57 4.11
CA ALA D 17 -28.12 3.78 5.36
C ALA D 17 -27.03 4.22 6.32
N SER D 18 -25.83 4.49 5.79
CA SER D 18 -24.69 4.99 6.56
C SER D 18 -24.92 6.38 7.17
N ARG D 19 -25.58 7.26 6.41
CA ARG D 19 -25.99 8.58 6.91
C ARG D 19 -26.99 8.47 8.07
N LEU D 20 -27.93 7.53 7.96
CA LEU D 20 -28.91 7.26 9.03
C LEU D 20 -28.27 6.72 10.31
N TYR D 21 -27.37 5.74 10.17
CA TYR D 21 -26.71 5.11 11.33
C TYR D 21 -25.63 6.02 11.94
N PHE D 22 -24.58 6.30 11.16
CA PHE D 22 -23.40 7.05 11.66
C PHE D 22 -23.66 8.54 11.88
N GLY D 23 -24.42 9.16 10.98
CA GLY D 23 -24.79 10.57 11.10
C GLY D 23 -25.83 10.85 12.16
N GLU D 24 -26.96 10.11 12.09
CA GLU D 24 -28.18 10.40 12.87
C GLU D 24 -28.54 9.41 14.01
N ARG D 25 -27.77 8.33 14.18
CA ARG D 25 -28.00 7.29 15.22
C ARG D 25 -29.37 6.58 15.07
N ASN D 26 -29.68 6.22 13.83
CA ASN D 26 -30.97 5.63 13.44
C ASN D 26 -30.71 4.20 12.91
N VAL D 27 -30.81 3.24 13.82
CA VAL D 27 -30.57 1.81 13.52
C VAL D 27 -31.80 1.17 12.85
N LYS D 28 -33.01 1.56 13.26
CA LYS D 28 -34.27 1.09 12.64
C LYS D 28 -34.35 1.49 11.17
N GLY D 29 -34.15 2.78 10.91
CA GLY D 29 -34.10 3.35 9.55
C GLY D 29 -33.02 2.80 8.64
N MET D 30 -31.89 2.40 9.22
CA MET D 30 -30.80 1.69 8.52
C MET D 30 -31.28 0.36 7.92
N PHE D 31 -32.01 -0.44 8.71
CA PHE D 31 -32.53 -1.75 8.26
C PHE D 31 -33.66 -1.62 7.22
N GLU D 32 -34.55 -0.64 7.40
CA GLU D 32 -35.68 -0.38 6.46
C GLU D 32 -35.27 -0.05 5.01
N VAL D 33 -34.09 0.54 4.82
CA VAL D 33 -33.47 0.71 3.48
C VAL D 33 -32.64 -0.50 3.03
N LEU D 34 -32.00 -1.19 3.96
CA LEU D 34 -31.21 -2.42 3.66
C LEU D 34 -32.05 -3.65 3.30
N GLU D 35 -33.12 -3.92 4.05
CA GLU D 35 -33.93 -5.15 3.88
C GLU D 35 -34.59 -5.34 2.49
N PRO D 36 -35.09 -4.24 1.87
CA PRO D 36 -35.48 -4.29 0.44
C PRO D 36 -34.35 -4.63 -0.55
N LEU D 37 -33.15 -4.11 -0.29
CA LEU D 37 -31.98 -4.34 -1.15
C LEU D 37 -31.46 -5.78 -1.07
N HIS D 38 -31.47 -6.36 0.13
CA HIS D 38 -31.18 -7.79 0.31
C HIS D 38 -32.29 -8.71 -0.25
N ALA D 39 -33.55 -8.27 -0.17
CA ALA D 39 -34.71 -9.04 -0.66
C ALA D 39 -34.72 -9.26 -2.18
N MET D 40 -34.35 -8.23 -2.93
CA MET D 40 -34.18 -8.34 -4.41
C MET D 40 -33.04 -9.27 -4.87
N MET D 41 -32.07 -9.56 -4.00
CA MET D 41 -31.05 -10.60 -4.26
C MET D 41 -31.63 -12.03 -4.24
N GLU D 42 -32.57 -12.29 -3.31
CA GLU D 42 -33.07 -13.65 -3.00
C GLU D 42 -33.74 -14.41 -4.16
N ARG D 43 -34.46 -13.68 -5.01
CA ARG D 43 -34.96 -14.22 -6.31
C ARG D 43 -33.85 -14.75 -7.24
N GLY D 44 -32.66 -14.13 -7.16
CA GLY D 44 -31.42 -14.66 -7.76
C GLY D 44 -30.93 -13.90 -8.98
N PRO D 45 -29.68 -14.18 -9.43
CA PRO D 45 -29.13 -13.51 -10.61
C PRO D 45 -29.71 -14.10 -11.90
N GLN D 46 -30.58 -13.32 -12.55
CA GLN D 46 -31.29 -13.73 -13.77
C GLN D 46 -30.77 -13.13 -15.08
N THR D 47 -30.26 -11.88 -15.03
CA THR D 47 -29.56 -11.24 -16.16
C THR D 47 -28.03 -11.31 -16.00
N LEU D 48 -27.32 -10.92 -17.05
CA LEU D 48 -25.83 -10.94 -17.10
C LEU D 48 -25.16 -10.04 -16.06
N LYS D 49 -25.62 -8.79 -15.96
CA LYS D 49 -25.10 -7.81 -14.97
C LYS D 49 -25.41 -8.19 -13.52
N GLU D 50 -26.57 -8.81 -13.28
CA GLU D 50 -26.91 -9.40 -11.97
C GLU D 50 -25.98 -10.55 -11.57
N THR D 51 -25.61 -11.40 -12.53
CA THR D 51 -24.70 -12.55 -12.31
C THR D 51 -23.29 -12.11 -11.93
N SER D 52 -22.76 -11.12 -12.66
CA SER D 52 -21.45 -10.50 -12.34
C SER D 52 -21.45 -9.75 -10.99
N PHE D 53 -22.58 -9.13 -10.66
CA PHE D 53 -22.78 -8.49 -9.35
C PHE D 53 -22.82 -9.49 -8.19
N ASN D 54 -23.55 -10.59 -8.39
CA ASN D 54 -23.74 -11.64 -7.36
C ASN D 54 -22.45 -12.41 -7.05
N GLN D 55 -21.70 -12.77 -8.10
CA GLN D 55 -20.37 -13.39 -7.93
C GLN D 55 -19.32 -12.47 -7.30
N ALA D 56 -19.40 -11.17 -7.60
CA ALA D 56 -18.48 -10.17 -7.04
C ALA D 56 -18.75 -9.91 -5.56
N TYR D 57 -20.00 -9.52 -5.26
CA TYR D 57 -20.39 -8.97 -3.95
C TYR D 57 -21.42 -9.77 -3.12
N GLY D 58 -21.96 -10.86 -3.66
CA GLY D 58 -23.04 -11.62 -3.02
C GLY D 58 -22.66 -12.37 -1.74
N ARG D 59 -21.42 -12.88 -1.69
CA ARG D 59 -20.89 -13.51 -0.46
C ARG D 59 -20.69 -12.51 0.68
N ASP D 60 -20.14 -11.33 0.36
CA ASP D 60 -19.93 -10.25 1.35
C ASP D 60 -21.24 -9.59 1.82
N LEU D 61 -22.19 -9.40 0.90
CA LEU D 61 -23.51 -8.81 1.23
C LEU D 61 -24.37 -9.76 2.07
N MET D 62 -24.46 -11.02 1.66
CA MET D 62 -25.18 -12.05 2.42
C MET D 62 -24.62 -12.27 3.84
N GLU D 63 -23.29 -12.21 3.97
CA GLU D 63 -22.62 -12.22 5.28
C GLU D 63 -22.92 -10.97 6.12
N ALA D 64 -22.96 -9.79 5.48
CA ALA D 64 -23.33 -8.53 6.14
C ALA D 64 -24.76 -8.51 6.70
N GLN D 65 -25.70 -9.19 6.03
CA GLN D 65 -27.06 -9.41 6.54
C GLN D 65 -27.09 -10.35 7.77
N GLU D 66 -26.25 -11.38 7.76
CA GLU D 66 -26.11 -12.30 8.92
C GLU D 66 -25.56 -11.58 10.17
N TRP D 67 -24.56 -10.72 9.97
CA TRP D 67 -24.04 -9.85 11.04
C TRP D 67 -25.05 -8.82 11.55
N CYS D 68 -25.94 -8.34 10.68
CA CYS D 68 -27.10 -7.51 11.08
C CYS D 68 -28.15 -8.32 11.86
N ARG D 69 -28.41 -9.56 11.42
CA ARG D 69 -29.26 -10.52 12.16
C ARG D 69 -28.69 -10.97 13.51
N LYS D 70 -27.35 -10.99 13.63
CA LYS D 70 -26.66 -11.22 14.92
C LYS D 70 -26.88 -10.07 15.91
N TYR D 71 -26.80 -8.82 15.42
CA TYR D 71 -27.20 -7.63 16.21
C TYR D 71 -28.68 -7.65 16.61
N MET D 72 -29.54 -8.11 15.70
CA MET D 72 -31.00 -8.23 15.93
C MET D 72 -31.33 -9.07 17.18
N LYS D 73 -30.69 -10.24 17.27
CA LYS D 73 -30.84 -11.15 18.42
C LYS D 73 -30.08 -10.65 19.66
N SER D 74 -28.79 -10.31 19.49
CA SER D 74 -27.88 -10.01 20.63
C SER D 74 -27.98 -8.56 21.12
N GLY D 75 -27.74 -7.62 20.20
CA GLY D 75 -27.69 -6.19 20.49
C GLY D 75 -26.32 -5.72 20.97
N ASN D 76 -25.27 -6.20 20.30
CA ASN D 76 -23.86 -5.88 20.61
C ASN D 76 -23.31 -5.12 19.40
N VAL D 77 -22.69 -3.96 19.65
CA VAL D 77 -22.15 -3.07 18.60
C VAL D 77 -21.06 -3.70 17.72
N LYS D 78 -20.32 -4.68 18.28
CA LYS D 78 -19.40 -5.54 17.52
C LYS D 78 -20.00 -6.19 16.27
N ASP D 79 -21.25 -6.66 16.40
CA ASP D 79 -21.97 -7.31 15.29
C ASP D 79 -22.38 -6.32 14.19
N LEU D 80 -22.93 -5.17 14.60
CA LEU D 80 -23.40 -4.14 13.67
C LEU D 80 -22.27 -3.44 12.90
N THR D 81 -21.13 -3.20 13.57
CA THR D 81 -19.91 -2.70 12.91
C THR D 81 -19.23 -3.74 12.01
N GLN D 82 -19.28 -5.02 12.39
CA GLN D 82 -18.81 -6.13 11.52
C GLN D 82 -19.55 -6.21 10.17
N ALA D 83 -20.85 -5.92 10.18
CA ALA D 83 -21.65 -5.76 8.96
C ALA D 83 -21.19 -4.55 8.12
N TRP D 84 -20.96 -3.42 8.79
CA TRP D 84 -20.52 -2.17 8.13
C TRP D 84 -19.09 -2.18 7.56
N ASP D 85 -18.23 -3.06 8.07
CA ASP D 85 -16.92 -3.32 7.43
C ASP D 85 -17.11 -4.00 6.06
N LEU D 86 -18.01 -4.97 6.00
CA LEU D 86 -18.36 -5.68 4.75
C LEU D 86 -19.13 -4.80 3.75
N TYR D 87 -20.03 -3.95 4.25
CA TYR D 87 -20.72 -2.95 3.40
C TYR D 87 -19.79 -1.90 2.80
N TYR D 88 -18.77 -1.48 3.55
CA TYR D 88 -17.75 -0.53 3.06
C TYR D 88 -16.89 -1.09 1.93
N HIS D 89 -16.56 -2.39 2.01
CA HIS D 89 -15.74 -3.07 1.01
C HIS D 89 -16.44 -3.17 -0.36
N VAL D 90 -17.71 -3.59 -0.35
CA VAL D 90 -18.54 -3.60 -1.58
C VAL D 90 -18.80 -2.19 -2.16
N PHE D 91 -18.91 -1.18 -1.29
CA PHE D 91 -19.16 0.22 -1.69
C PHE D 91 -18.04 0.81 -2.54
N ARG D 92 -16.80 0.68 -2.07
CA ARG D 92 -15.60 1.17 -2.79
C ARG D 92 -15.40 0.51 -4.15
N ARG D 93 -15.67 -0.79 -4.23
CA ARG D 93 -15.62 -1.55 -5.50
C ARG D 93 -16.73 -1.16 -6.49
N ILE D 94 -17.93 -0.84 -5.98
CA ILE D 94 -19.02 -0.26 -6.78
C ILE D 94 -18.69 1.17 -7.26
N SER D 95 -18.14 2.00 -6.36
CA SER D 95 -17.81 3.40 -6.68
C SER D 95 -16.68 3.57 -7.70
N GLY E 2 10.81 -41.85 3.25
CA GLY E 2 9.39 -42.01 3.68
C GLY E 2 8.69 -40.72 4.07
N VAL E 3 7.68 -40.84 4.93
CA VAL E 3 6.97 -39.69 5.53
C VAL E 3 6.64 -40.02 7.00
N GLN E 4 7.04 -39.11 7.91
CA GLN E 4 6.78 -39.26 9.35
C GLN E 4 5.58 -38.39 9.74
N VAL E 5 4.43 -39.04 9.95
CA VAL E 5 3.19 -38.40 10.42
C VAL E 5 3.15 -38.49 11.95
N GLU E 6 2.89 -37.35 12.60
CA GLU E 6 2.83 -37.25 14.06
C GLU E 6 1.62 -36.41 14.47
N THR E 7 0.77 -36.97 15.34
CA THR E 7 -0.53 -36.37 15.68
C THR E 7 -0.37 -35.16 16.61
N ILE E 8 -1.01 -34.04 16.23
CA ILE E 8 -1.05 -32.80 17.03
C ILE E 8 -2.32 -32.85 17.88
N SER E 9 -3.48 -32.97 17.21
CA SER E 9 -4.80 -33.08 17.85
C SER E 9 -5.56 -34.24 17.19
N PRO E 10 -6.15 -35.16 18.00
CA PRO E 10 -6.72 -36.38 17.43
C PRO E 10 -8.08 -36.16 16.76
N GLY E 11 -8.34 -36.91 15.68
CA GLY E 11 -9.66 -36.99 15.06
C GLY E 11 -10.53 -38.06 15.69
N ASP E 12 -11.60 -38.44 14.99
CA ASP E 12 -12.47 -39.55 15.43
C ASP E 12 -11.81 -40.96 15.36
N GLY E 13 -10.75 -41.10 14.57
CA GLY E 13 -9.99 -42.36 14.46
C GLY E 13 -10.64 -43.48 13.65
N ARG E 14 -11.69 -43.15 12.89
CA ARG E 14 -12.51 -44.15 12.13
C ARG E 14 -12.89 -43.73 10.70
N THR E 15 -13.26 -42.46 10.51
CA THR E 15 -13.60 -41.89 9.20
C THR E 15 -12.33 -41.46 8.45
N PHE E 16 -11.77 -42.40 7.66
CA PHE E 16 -10.58 -42.15 6.81
C PHE E 16 -10.98 -41.92 5.34
N PRO E 17 -10.10 -41.24 4.54
CA PRO E 17 -10.40 -41.03 3.11
C PRO E 17 -10.24 -42.32 2.28
N LYS E 18 -11.33 -42.74 1.63
CA LYS E 18 -11.32 -43.87 0.68
C LYS E 18 -10.91 -43.42 -0.72
N ARG E 19 -10.54 -44.40 -1.56
CA ARG E 19 -10.07 -44.16 -2.93
C ARG E 19 -11.26 -43.79 -3.84
N GLY E 20 -11.47 -42.48 -4.01
CA GLY E 20 -12.66 -41.92 -4.69
C GLY E 20 -13.15 -40.62 -4.08
N GLN E 21 -13.12 -40.54 -2.75
CA GLN E 21 -13.49 -39.32 -1.99
C GLN E 21 -12.50 -38.18 -2.19
N THR E 22 -12.96 -36.97 -1.84
CA THR E 22 -12.18 -35.73 -1.96
C THR E 22 -11.96 -35.13 -0.56
N CYS E 23 -10.69 -35.08 -0.13
CA CYS E 23 -10.29 -34.54 1.16
C CYS E 23 -10.35 -33.02 1.13
N VAL E 24 -10.97 -32.41 2.15
CA VAL E 24 -11.07 -30.94 2.30
C VAL E 24 -10.32 -30.57 3.58
N VAL E 25 -9.18 -29.87 3.41
CA VAL E 25 -8.19 -29.64 4.46
C VAL E 25 -7.80 -28.16 4.57
N HIS E 26 -7.47 -27.72 5.78
CA HIS E 26 -6.64 -26.52 6.01
C HIS E 26 -5.21 -27.00 6.24
N TYR E 27 -4.22 -26.19 5.85
CA TYR E 27 -2.80 -26.54 6.04
C TYR E 27 -1.86 -25.33 6.14
N THR E 28 -0.64 -25.62 6.61
CA THR E 28 0.46 -24.65 6.72
C THR E 28 1.77 -25.39 6.43
N GLY E 29 2.34 -25.17 5.24
CA GLY E 29 3.62 -25.76 4.83
C GLY E 29 4.81 -24.92 5.26
N MET E 30 5.89 -25.59 5.68
CA MET E 30 7.14 -24.93 6.10
C MET E 30 8.37 -25.84 5.98
N LEU E 31 9.53 -25.23 5.78
CA LEU E 31 10.81 -25.94 5.59
C LEU E 31 11.37 -26.47 6.92
N GLU E 32 12.42 -27.30 6.81
CA GLU E 32 13.08 -27.93 7.97
C GLU E 32 13.76 -26.91 8.91
N ASP E 33 14.44 -25.92 8.33
CA ASP E 33 15.03 -24.80 9.10
C ASP E 33 13.99 -23.91 9.82
N GLY E 34 12.78 -23.80 9.26
CA GLY E 34 11.65 -23.09 9.87
C GLY E 34 11.35 -21.79 9.15
N LYS E 35 10.67 -21.91 8.01
CA LYS E 35 10.21 -20.76 7.20
C LYS E 35 8.88 -21.09 6.54
N LYS E 36 7.81 -20.38 6.95
CA LYS E 36 6.46 -20.59 6.44
C LYS E 36 6.34 -20.01 5.02
N PHE E 37 6.12 -20.88 4.03
CA PHE E 37 6.04 -20.49 2.60
C PHE E 37 4.63 -20.44 2.00
N ASP E 38 3.72 -21.31 2.47
CA ASP E 38 2.34 -21.38 1.96
C ASP E 38 1.36 -21.76 3.09
N SER E 39 0.15 -21.18 3.04
CA SER E 39 -0.89 -21.42 4.05
C SER E 39 -2.29 -21.07 3.53
N SER E 40 -3.26 -21.93 3.83
CA SER E 40 -4.67 -21.76 3.44
C SER E 40 -5.52 -21.00 4.48
N ARG E 41 -5.12 -21.03 5.75
CA ARG E 41 -5.78 -20.27 6.82
C ARG E 41 -5.67 -18.73 6.64
N ASP E 42 -4.54 -18.28 6.13
CA ASP E 42 -4.36 -16.87 5.70
C ASP E 42 -5.28 -16.46 4.55
N ARG E 43 -5.49 -17.38 3.60
CA ARG E 43 -6.42 -17.17 2.46
C ARG E 43 -7.92 -17.11 2.83
N ASN E 44 -8.29 -17.67 4.00
CA ASN E 44 -9.68 -17.75 4.49
C ASN E 44 -10.57 -18.64 3.61
N LYS E 45 -10.05 -19.81 3.26
CA LYS E 45 -10.74 -20.81 2.43
C LYS E 45 -10.01 -22.16 2.48
N PRO E 46 -10.72 -23.29 2.74
CA PRO E 46 -10.03 -24.61 2.73
C PRO E 46 -9.54 -25.09 1.37
N PHE E 47 -8.60 -26.03 1.39
CA PHE E 47 -8.02 -26.67 0.21
C PHE E 47 -8.71 -28.03 0.00
N LYS E 48 -9.31 -28.21 -1.19
CA LYS E 48 -9.98 -29.45 -1.59
C LYS E 48 -9.14 -30.17 -2.66
N PHE E 49 -9.03 -31.51 -2.54
CA PHE E 49 -8.34 -32.36 -3.52
C PHE E 49 -8.75 -33.83 -3.42
N MET E 50 -8.57 -34.57 -4.52
CA MET E 50 -8.93 -36.00 -4.60
C MET E 50 -7.72 -36.91 -4.33
N LEU E 51 -7.85 -37.76 -3.31
CA LEU E 51 -6.88 -38.82 -3.02
C LEU E 51 -7.00 -39.96 -4.04
N GLY E 52 -5.92 -40.74 -4.17
CA GLY E 52 -5.87 -41.95 -5.01
C GLY E 52 -5.19 -41.73 -6.35
N LYS E 53 -5.67 -40.72 -7.08
CA LYS E 53 -5.07 -40.32 -8.37
C LYS E 53 -3.72 -39.65 -8.14
N GLN E 54 -2.74 -39.97 -9.00
CA GLN E 54 -1.36 -39.47 -8.86
C GLN E 54 -1.26 -37.99 -9.27
N GLU E 55 -1.71 -37.12 -8.37
CA GLU E 55 -1.78 -35.65 -8.58
C GLU E 55 -0.74 -34.96 -7.70
N VAL E 56 -0.90 -35.07 -6.38
CA VAL E 56 0.01 -34.46 -5.39
C VAL E 56 1.31 -35.27 -5.23
N ILE E 57 2.26 -34.70 -4.48
CA ILE E 57 3.51 -35.37 -4.09
C ILE E 57 3.31 -36.65 -3.25
N ARG E 58 4.33 -37.51 -3.25
CA ARG E 58 4.27 -38.85 -2.62
C ARG E 58 4.03 -38.85 -1.10
N GLY E 59 4.47 -37.77 -0.42
CA GLY E 59 4.21 -37.58 1.01
C GLY E 59 2.75 -37.38 1.37
N TRP E 60 2.05 -36.56 0.59
CA TRP E 60 0.59 -36.35 0.75
C TRP E 60 -0.26 -37.56 0.34
N GLU E 61 0.15 -38.25 -0.72
CA GLU E 61 -0.57 -39.43 -1.23
C GLU E 61 -0.63 -40.59 -0.22
N GLU E 62 0.44 -40.77 0.55
CA GLU E 62 0.52 -41.76 1.64
C GLU E 62 0.18 -41.20 3.04
N GLY E 63 0.65 -39.98 3.33
CA GLY E 63 0.50 -39.34 4.64
C GLY E 63 -0.90 -38.89 5.02
N VAL E 64 -1.57 -38.20 4.10
CA VAL E 64 -2.95 -37.70 4.32
C VAL E 64 -3.97 -38.85 4.21
N ALA E 65 -3.66 -39.88 3.41
CA ALA E 65 -4.47 -41.12 3.29
C ALA E 65 -4.80 -41.82 4.63
N GLN E 66 -3.84 -41.82 5.55
CA GLN E 66 -4.00 -42.43 6.89
C GLN E 66 -4.41 -41.47 8.03
N MET E 67 -4.88 -40.26 7.69
CA MET E 67 -5.44 -39.30 8.66
C MET E 67 -6.97 -39.43 8.72
N SER E 68 -7.53 -39.28 9.92
CA SER E 68 -8.98 -39.33 10.15
C SER E 68 -9.62 -37.93 10.16
N VAL E 69 -10.95 -37.88 9.98
CA VAL E 69 -11.68 -36.59 9.97
C VAL E 69 -11.69 -35.99 11.38
N GLY E 70 -11.21 -34.75 11.49
CA GLY E 70 -10.92 -34.10 12.77
C GLY E 70 -9.43 -34.08 13.16
N GLN E 71 -8.61 -34.95 12.55
CA GLN E 71 -7.20 -35.09 12.92
C GLN E 71 -6.38 -33.90 12.40
N ARG E 72 -5.58 -33.30 13.29
CA ARG E 72 -4.56 -32.31 12.98
C ARG E 72 -3.22 -33.00 13.18
N ALA E 73 -2.34 -32.96 12.17
CA ALA E 73 -1.08 -33.73 12.17
C ALA E 73 0.06 -33.00 11.45
N LYS E 74 1.30 -33.34 11.85
CA LYS E 74 2.54 -32.79 11.31
C LYS E 74 3.17 -33.79 10.34
N LEU E 75 3.11 -33.50 9.04
CA LEU E 75 3.64 -34.37 7.98
C LEU E 75 5.06 -33.96 7.60
N THR E 76 6.04 -34.65 8.19
CA THR E 76 7.47 -34.49 7.86
C THR E 76 7.77 -35.37 6.65
N ILE E 77 7.76 -34.77 5.46
CA ILE E 77 7.96 -35.47 4.17
C ILE E 77 9.46 -35.40 3.81
N SER E 78 9.96 -36.50 3.26
CA SER E 78 11.37 -36.63 2.83
C SER E 78 11.63 -35.82 1.54
N PRO E 79 12.90 -35.43 1.26
CA PRO E 79 13.23 -34.88 -0.06
C PRO E 79 12.96 -35.81 -1.27
N ASP E 80 13.18 -37.12 -1.09
CA ASP E 80 12.90 -38.14 -2.12
C ASP E 80 11.41 -38.22 -2.46
N TYR E 81 10.57 -38.27 -1.42
CA TYR E 81 9.11 -38.29 -1.57
C TYR E 81 8.52 -36.97 -2.10
N ALA E 82 9.05 -35.83 -1.61
CA ALA E 82 8.54 -34.50 -1.98
C ALA E 82 8.93 -34.08 -3.42
N TYR E 83 10.21 -33.74 -3.62
CA TYR E 83 10.72 -33.20 -4.92
C TYR E 83 12.09 -33.78 -5.27
N GLY E 84 13.08 -33.55 -4.41
CA GLY E 84 14.43 -34.12 -4.55
C GLY E 84 15.34 -33.33 -5.46
N ALA E 85 15.65 -33.90 -6.63
CA ALA E 85 16.64 -33.34 -7.56
C ALA E 85 16.15 -32.06 -8.26
N THR E 86 14.91 -32.08 -8.74
CA THR E 86 14.29 -30.94 -9.43
C THR E 86 13.98 -29.78 -8.47
N GLY E 87 13.29 -30.09 -7.38
CA GLY E 87 12.86 -29.08 -6.39
C GLY E 87 11.65 -28.31 -6.91
N HIS E 88 11.71 -26.98 -6.83
CA HIS E 88 10.69 -26.09 -7.42
C HIS E 88 11.31 -24.70 -7.70
N PRO E 89 10.86 -23.98 -8.77
CA PRO E 89 11.40 -22.62 -9.02
C PRO E 89 11.05 -21.57 -7.95
N GLY E 90 12.06 -21.13 -7.22
CA GLY E 90 11.97 -19.98 -6.30
C GLY E 90 11.13 -20.09 -5.04
N ILE E 91 10.81 -21.32 -4.60
CA ILE E 91 10.03 -21.56 -3.37
C ILE E 91 10.71 -22.63 -2.50
N ILE E 92 10.77 -23.87 -3.01
CA ILE E 92 11.35 -25.02 -2.31
C ILE E 92 12.69 -25.38 -2.98
N PRO E 93 13.82 -25.32 -2.21
CA PRO E 93 15.12 -25.77 -2.77
C PRO E 93 15.21 -27.28 -3.08
N PRO E 94 16.20 -27.70 -3.93
CA PRO E 94 16.44 -29.14 -4.12
C PRO E 94 17.04 -29.83 -2.88
N HIS E 95 16.65 -31.08 -2.66
CA HIS E 95 17.04 -31.90 -1.49
C HIS E 95 16.63 -31.26 -0.14
N ALA E 96 15.40 -30.75 -0.10
CA ALA E 96 14.83 -30.02 1.04
C ALA E 96 13.75 -30.87 1.72
N THR E 97 13.91 -31.08 3.03
CA THR E 97 12.93 -31.82 3.84
C THR E 97 11.79 -30.85 4.21
N LEU E 98 10.56 -31.20 3.81
CA LEU E 98 9.37 -30.36 4.04
C LEU E 98 8.58 -30.81 5.27
N VAL E 99 7.88 -29.85 5.90
CA VAL E 99 7.09 -30.07 7.13
C VAL E 99 5.73 -29.35 7.04
N PHE E 100 4.68 -30.12 6.73
CA PHE E 100 3.30 -29.61 6.58
C PHE E 100 2.46 -29.81 7.84
N ASP E 101 1.57 -28.84 8.11
CA ASP E 101 0.78 -28.77 9.34
C ASP E 101 -0.73 -28.84 8.98
N VAL E 102 -1.08 -29.94 8.30
CA VAL E 102 -2.43 -30.17 7.74
C VAL E 102 -3.46 -30.58 8.82
N GLU E 103 -4.73 -30.19 8.59
CA GLU E 103 -5.89 -30.58 9.42
C GLU E 103 -7.04 -31.04 8.51
N LEU E 104 -7.48 -32.29 8.68
CA LEU E 104 -8.55 -32.88 7.85
C LEU E 104 -9.94 -32.51 8.40
N LEU E 105 -10.62 -31.59 7.72
CA LEU E 105 -11.87 -30.98 8.24
C LEU E 105 -13.10 -31.88 8.06
N LYS E 106 -13.30 -32.34 6.82
CA LYS E 106 -14.38 -33.28 6.46
C LYS E 106 -14.06 -34.04 5.16
N LEU E 107 -14.99 -34.87 4.70
CA LEU E 107 -14.90 -35.57 3.41
C LEU E 107 -16.18 -35.38 2.60
N GLU E 108 -16.02 -35.29 1.26
CA GLU E 108 -17.12 -35.08 0.31
C GLU E 108 -17.01 -36.07 -0.86
N GLY F 1 -13.50 -35.37 -29.65
CA GLY F 1 -13.50 -34.45 -30.82
C GLY F 1 -12.63 -33.21 -30.66
N VAL F 2 -12.93 -32.18 -31.46
CA VAL F 2 -12.20 -30.89 -31.45
C VAL F 2 -12.80 -30.01 -30.35
N ALA F 3 -11.92 -29.27 -29.66
CA ALA F 3 -12.32 -28.38 -28.56
C ALA F 3 -12.90 -27.06 -29.09
N ILE F 4 -14.22 -27.03 -29.28
CA ILE F 4 -14.97 -25.85 -29.76
C ILE F 4 -15.47 -25.02 -28.58
N LEU F 5 -16.12 -25.68 -27.62
CA LEU F 5 -16.69 -25.02 -26.44
C LEU F 5 -15.60 -24.56 -25.47
N TRP F 6 -15.84 -23.44 -24.79
CA TRP F 6 -14.82 -22.74 -23.99
C TRP F 6 -14.37 -23.50 -22.73
N HIS F 7 -15.31 -24.14 -22.04
CA HIS F 7 -14.99 -25.02 -20.89
C HIS F 7 -14.11 -26.23 -21.28
N GLU F 8 -14.35 -26.80 -22.47
CA GLU F 8 -13.50 -27.87 -23.02
C GLU F 8 -12.10 -27.38 -23.40
N MET F 9 -12.00 -26.18 -23.97
CA MET F 9 -10.72 -25.56 -24.34
C MET F 9 -9.87 -25.16 -23.14
N TRP F 10 -10.48 -24.46 -22.20
CA TRP F 10 -9.82 -24.08 -20.92
C TRP F 10 -9.37 -25.28 -20.06
N HIS F 11 -10.12 -26.39 -20.13
CA HIS F 11 -9.77 -27.63 -19.40
C HIS F 11 -8.46 -28.24 -19.93
N GLU F 12 -8.43 -28.59 -21.22
CA GLU F 12 -7.23 -29.19 -21.83
C GLU F 12 -6.02 -28.24 -21.91
N GLY F 13 -6.29 -26.93 -21.98
CA GLY F 13 -5.25 -25.89 -21.93
C GLY F 13 -4.55 -25.79 -20.59
N LEU F 14 -5.33 -25.73 -19.51
CA LEU F 14 -4.79 -25.75 -18.14
C LEU F 14 -4.13 -27.08 -17.73
N GLU F 15 -4.56 -28.18 -18.35
CA GLU F 15 -3.90 -29.49 -18.19
C GLU F 15 -2.48 -29.52 -18.80
N GLU F 16 -2.30 -28.86 -19.95
CA GLU F 16 -0.96 -28.64 -20.55
C GLU F 16 -0.12 -27.69 -19.71
N ALA F 17 -0.68 -26.51 -19.41
CA ALA F 17 -0.02 -25.44 -18.64
C ALA F 17 0.51 -25.87 -17.27
N SER F 18 -0.29 -26.68 -16.57
CA SER F 18 0.11 -27.34 -15.32
C SER F 18 1.29 -28.29 -15.53
N ARG F 19 1.17 -29.17 -16.53
CA ARG F 19 2.22 -30.15 -16.88
C ARG F 19 3.56 -29.49 -17.27
N LEU F 20 3.50 -28.36 -17.97
CA LEU F 20 4.70 -27.60 -18.35
C LEU F 20 5.37 -26.89 -17.16
N TYR F 21 4.59 -26.17 -16.36
CA TYR F 21 5.12 -25.39 -15.22
C TYR F 21 5.54 -26.28 -14.03
N PHE F 22 4.62 -27.12 -13.56
CA PHE F 22 4.86 -27.95 -12.37
C PHE F 22 5.65 -29.22 -12.70
N GLY F 23 5.24 -29.92 -13.75
CA GLY F 23 5.89 -31.17 -14.18
C GLY F 23 7.27 -30.96 -14.81
N GLU F 24 7.32 -30.11 -15.83
CA GLU F 24 8.51 -29.91 -16.69
C GLU F 24 9.37 -28.66 -16.39
N ARG F 25 8.90 -27.76 -15.51
CA ARG F 25 9.64 -26.56 -15.07
C ARG F 25 9.90 -25.56 -16.21
N ASN F 26 8.84 -25.24 -16.94
CA ASN F 26 8.87 -24.42 -18.17
C ASN F 26 7.89 -23.24 -18.00
N VAL F 27 8.44 -22.09 -17.61
CA VAL F 27 7.63 -20.89 -17.27
C VAL F 27 7.12 -20.19 -18.54
N LYS F 28 7.95 -20.13 -19.59
CA LYS F 28 7.56 -19.53 -20.88
C LYS F 28 6.47 -20.32 -21.60
N GLY F 29 6.66 -21.64 -21.70
CA GLY F 29 5.68 -22.57 -22.29
C GLY F 29 4.29 -22.59 -21.67
N MET F 30 4.22 -22.28 -20.36
CA MET F 30 2.95 -22.05 -19.66
C MET F 30 2.21 -20.82 -20.21
N PHE F 31 2.94 -19.72 -20.35
CA PHE F 31 2.38 -18.49 -20.96
C PHE F 31 2.06 -18.62 -22.46
N GLU F 32 2.79 -19.49 -23.17
CA GLU F 32 2.52 -19.80 -24.59
C GLU F 32 1.14 -20.43 -24.82
N VAL F 33 0.76 -21.38 -23.95
CA VAL F 33 -0.59 -22.00 -23.98
C VAL F 33 -1.71 -21.10 -23.42
N LEU F 34 -1.41 -20.34 -22.36
CA LEU F 34 -2.41 -19.47 -21.67
C LEU F 34 -2.84 -18.21 -22.43
N GLU F 35 -1.87 -17.46 -22.97
CA GLU F 35 -2.11 -16.12 -23.55
C GLU F 35 -3.10 -16.06 -24.73
N PRO F 36 -3.11 -17.10 -25.61
CA PRO F 36 -4.19 -17.21 -26.62
C PRO F 36 -5.61 -17.43 -26.08
N LEU F 37 -5.74 -18.17 -24.98
CA LEU F 37 -7.04 -18.41 -24.32
C LEU F 37 -7.58 -17.14 -23.66
N HIS F 38 -6.70 -16.37 -22.99
CA HIS F 38 -7.07 -15.04 -22.44
C HIS F 38 -7.44 -14.02 -23.52
N ALA F 39 -6.81 -14.12 -24.70
CA ALA F 39 -7.09 -13.23 -25.83
C ALA F 39 -8.51 -13.38 -26.39
N MET F 40 -8.96 -14.63 -26.58
CA MET F 40 -10.33 -14.92 -27.05
C MET F 40 -11.43 -14.54 -26.04
N MET F 41 -11.10 -14.55 -24.75
CA MET F 41 -11.99 -14.06 -23.68
C MET F 41 -12.21 -12.54 -23.77
N GLU F 42 -11.14 -11.80 -24.05
CA GLU F 42 -11.20 -10.34 -24.30
C GLU F 42 -12.02 -9.98 -25.55
N ARG F 43 -11.92 -10.81 -26.59
CA ARG F 43 -12.77 -10.69 -27.79
C ARG F 43 -14.27 -10.93 -27.53
N GLY F 44 -14.58 -11.81 -26.57
CA GLY F 44 -15.92 -11.96 -26.02
C GLY F 44 -16.74 -13.09 -26.64
N PRO F 45 -17.87 -13.46 -26.00
CA PRO F 45 -18.63 -14.65 -26.37
C PRO F 45 -19.60 -14.44 -27.54
N GLN F 46 -19.70 -15.46 -28.41
CA GLN F 46 -20.64 -15.49 -29.55
C GLN F 46 -21.92 -16.29 -29.24
N THR F 47 -21.75 -17.47 -28.62
CA THR F 47 -22.88 -18.36 -28.23
C THR F 47 -23.24 -18.21 -26.75
N LEU F 48 -24.36 -18.83 -26.37
CA LEU F 48 -24.86 -18.87 -24.97
C LEU F 48 -23.89 -19.53 -24.00
N LYS F 49 -23.42 -20.73 -24.36
CA LYS F 49 -22.47 -21.50 -23.55
C LYS F 49 -21.11 -20.80 -23.36
N GLU F 50 -20.67 -20.04 -24.37
CA GLU F 50 -19.54 -19.11 -24.25
C GLU F 50 -19.83 -17.95 -23.26
N THR F 51 -21.02 -17.36 -23.38
CA THR F 51 -21.46 -16.25 -22.50
C THR F 51 -21.61 -16.68 -21.04
N SER F 52 -22.28 -17.81 -20.82
CA SER F 52 -22.46 -18.40 -19.48
C SER F 52 -21.15 -18.79 -18.79
N PHE F 53 -20.18 -19.26 -19.59
CA PHE F 53 -18.79 -19.46 -19.12
C PHE F 53 -18.13 -18.13 -18.73
N ASN F 54 -18.27 -17.13 -19.59
CA ASN F 54 -17.70 -15.78 -19.34
C ASN F 54 -18.34 -15.06 -18.15
N GLN F 55 -19.63 -15.30 -17.91
CA GLN F 55 -20.33 -14.82 -16.69
C GLN F 55 -19.75 -15.45 -15.42
N ALA F 56 -19.53 -16.77 -15.45
CA ALA F 56 -19.04 -17.52 -14.29
C ALA F 56 -17.58 -17.24 -13.96
N TYR F 57 -16.70 -17.54 -14.91
CA TYR F 57 -15.24 -17.59 -14.69
C TYR F 57 -14.43 -16.39 -15.25
N GLY F 58 -15.11 -15.39 -15.84
CA GLY F 58 -14.45 -14.30 -16.55
C GLY F 58 -13.66 -13.34 -15.66
N ARG F 59 -14.27 -12.90 -14.56
CA ARG F 59 -13.62 -12.01 -13.59
C ARG F 59 -12.47 -12.68 -12.84
N ASP F 60 -12.62 -13.98 -12.53
CA ASP F 60 -11.53 -14.79 -11.94
C ASP F 60 -10.35 -14.98 -12.90
N LEU F 61 -10.64 -15.31 -14.15
CA LEU F 61 -9.61 -15.47 -15.20
C LEU F 61 -8.92 -14.15 -15.57
N MET F 62 -9.71 -13.07 -15.68
CA MET F 62 -9.16 -11.73 -15.98
C MET F 62 -8.28 -11.17 -14.85
N GLU F 63 -8.65 -11.46 -13.59
CA GLU F 63 -7.79 -11.19 -12.42
C GLU F 63 -6.52 -12.07 -12.42
N ALA F 64 -6.68 -13.35 -12.75
CA ALA F 64 -5.56 -14.31 -12.83
C ALA F 64 -4.48 -13.94 -13.86
N GLN F 65 -4.90 -13.33 -14.98
CA GLN F 65 -3.96 -12.78 -15.97
C GLN F 65 -3.18 -11.57 -15.45
N GLU F 66 -3.86 -10.69 -14.70
CA GLU F 66 -3.23 -9.50 -14.08
C GLU F 66 -2.13 -9.84 -13.04
N TRP F 67 -2.28 -10.97 -12.37
CA TRP F 67 -1.21 -11.55 -11.52
C TRP F 67 0.01 -11.99 -12.35
N CYS F 68 -0.23 -12.65 -13.49
CA CYS F 68 0.83 -13.05 -14.43
C CYS F 68 1.54 -11.86 -15.08
N ARG F 69 0.79 -10.79 -15.40
CA ARG F 69 1.35 -9.49 -15.83
C ARG F 69 2.23 -8.85 -14.73
N LYS F 70 1.77 -8.91 -13.48
CA LYS F 70 2.54 -8.45 -12.31
C LYS F 70 3.83 -9.27 -12.07
N TYR F 71 3.80 -10.58 -12.36
CA TYR F 71 5.00 -11.44 -12.30
C TYR F 71 6.08 -11.07 -13.34
N MET F 72 5.65 -10.83 -14.58
CA MET F 72 6.55 -10.45 -15.69
C MET F 72 7.35 -9.16 -15.43
N LYS F 73 6.76 -8.19 -14.74
CA LYS F 73 7.43 -6.95 -14.32
C LYS F 73 8.24 -7.10 -13.02
N SER F 74 7.64 -7.75 -12.00
CA SER F 74 8.26 -7.85 -10.66
C SER F 74 9.39 -8.88 -10.60
N GLY F 75 9.10 -10.11 -11.04
CA GLY F 75 10.03 -11.24 -10.94
C GLY F 75 10.00 -11.84 -9.55
N ASN F 76 8.79 -12.20 -9.11
CA ASN F 76 8.53 -12.74 -7.76
C ASN F 76 7.48 -13.85 -7.90
N VAL F 77 7.91 -15.10 -7.70
CA VAL F 77 7.07 -16.30 -7.90
C VAL F 77 5.79 -16.37 -7.03
N LYS F 78 5.78 -15.66 -5.90
CA LYS F 78 4.56 -15.42 -5.09
C LYS F 78 3.39 -14.81 -5.88
N ASP F 79 3.68 -13.94 -6.86
CA ASP F 79 2.67 -13.42 -7.79
C ASP F 79 2.10 -14.51 -8.71
N LEU F 80 2.98 -15.36 -9.23
CA LEU F 80 2.60 -16.47 -10.13
C LEU F 80 1.76 -17.56 -9.45
N THR F 81 2.04 -17.85 -8.18
CA THR F 81 1.22 -18.80 -7.38
C THR F 81 -0.19 -18.27 -7.07
N GLN F 82 -0.31 -16.96 -6.81
CA GLN F 82 -1.62 -16.28 -6.67
C GLN F 82 -2.50 -16.36 -7.92
N ALA F 83 -1.88 -16.40 -9.11
CA ALA F 83 -2.58 -16.69 -10.36
C ALA F 83 -3.06 -18.14 -10.43
N TRP F 84 -2.15 -19.08 -10.13
CA TRP F 84 -2.48 -20.53 -10.05
C TRP F 84 -3.54 -20.93 -9.02
N ASP F 85 -3.74 -20.11 -7.98
CA ASP F 85 -4.88 -20.26 -7.06
C ASP F 85 -6.21 -20.02 -7.77
N LEU F 86 -6.27 -18.95 -8.57
CA LEU F 86 -7.44 -18.61 -9.39
C LEU F 86 -7.66 -19.59 -10.57
N TYR F 87 -6.58 -20.07 -11.19
CA TYR F 87 -6.66 -21.10 -12.25
C TYR F 87 -7.16 -22.46 -11.76
N TYR F 88 -6.80 -22.83 -10.52
CA TYR F 88 -7.32 -24.06 -9.89
C TYR F 88 -8.82 -23.95 -9.55
N HIS F 89 -9.22 -22.80 -9.03
CA HIS F 89 -10.62 -22.53 -8.64
C HIS F 89 -11.62 -22.63 -9.82
N VAL F 90 -11.21 -22.14 -10.99
CA VAL F 90 -11.98 -22.36 -12.24
C VAL F 90 -11.91 -23.82 -12.73
N PHE F 91 -10.73 -24.44 -12.64
CA PHE F 91 -10.52 -25.84 -13.10
C PHE F 91 -11.33 -26.88 -12.32
N ARG F 92 -11.48 -26.72 -11.00
CA ARG F 92 -12.33 -27.60 -10.17
C ARG F 92 -13.79 -27.59 -10.61
N ARG F 93 -14.33 -26.38 -10.82
CA ARG F 93 -15.72 -26.19 -11.26
C ARG F 93 -15.98 -26.66 -12.71
N ILE F 94 -14.99 -26.46 -13.59
CA ILE F 94 -15.06 -26.93 -15.00
C ILE F 94 -14.97 -28.46 -15.11
N SER F 95 -14.08 -29.09 -14.32
CA SER F 95 -13.84 -30.54 -14.39
C SER F 95 -15.05 -31.39 -13.97
#